data_7ZWW
#
_entry.id   7ZWW
#
_cell.length_a   67.600
_cell.length_b   67.600
_cell.length_c   166.700
_cell.angle_alpha   90.000
_cell.angle_beta   90.000
_cell.angle_gamma   120.000
#
_symmetry.space_group_name_H-M   'P 61 2 2'
#
loop_
_entity.id
_entity.type
_entity.pdbx_description
1 polymer 'B-cell lymphoma 6 protein'
2 non-polymer 1,3-dimethyl-5-[(6-morpholin-4-ylpyrimidin-4-yl)amino]benzimidazol-2-one
3 non-polymer 1,2-ETHANEDIOL
4 water water
#
_entity_poly.entity_id   1
_entity_poly.type   'polypeptide(L)'
_entity_poly.pdbx_seq_one_letter_code
;GPGLDYKDDDDKENLYFQGADSCIQFTRHASDVLLNLNRLRSRDILTDVVIVVSREQFRAHKTVLMACSGLFYSIFTDQL
KCNLSVINLDPEINPEGFCILLDFMYTSRLNLREGNIMAVMATAMYLQMEHVVDTCRKFIKASE
;
_entity_poly.pdbx_strand_id   A
#
loop_
_chem_comp.id
_chem_comp.type
_chem_comp.name
_chem_comp.formula
EDO non-polymer 1,2-ETHANEDIOL 'C2 H6 O2'
K69 non-polymer 1,3-dimethyl-5-[(6-morpholin-4-ylpyrimidin-4-yl)amino]benzimidazol-2-one 'C17 H20 N6 O2'
#
# COMPACT_ATOMS: atom_id res chain seq x y z
N ASN A 14 -23.12 11.09 16.37
CA ASN A 14 -22.65 11.90 15.25
C ASN A 14 -21.41 11.33 14.57
N LEU A 15 -21.18 11.77 13.32
CA LEU A 15 -20.03 11.42 12.48
C LEU A 15 -18.83 12.32 12.82
N TYR A 16 -18.94 13.09 13.92
CA TYR A 16 -17.87 14.01 14.32
C TYR A 16 -17.75 14.09 15.84
N PHE A 17 -16.63 14.61 16.30
CA PHE A 17 -16.40 14.78 17.71
C PHE A 17 -15.47 15.93 18.01
N GLN A 18 -15.46 16.38 19.25
CA GLN A 18 -14.56 17.46 19.61
C GLN A 18 -13.22 16.78 19.82
N GLY A 19 -12.25 17.23 19.06
CA GLY A 19 -10.92 16.68 19.13
C GLY A 19 -10.15 17.22 20.29
N ALA A 20 -8.96 16.66 20.51
CA ALA A 20 -8.09 17.11 21.60
C ALA A 20 -7.69 18.59 21.51
N ASP A 21 -7.55 19.12 20.29
CA ASP A 21 -7.21 20.52 20.03
C ASP A 21 -8.43 21.46 20.01
N SER A 22 -9.62 20.93 20.34
CA SER A 22 -10.94 21.59 20.44
C SER A 22 -11.64 21.83 19.08
N CYS A 23 -10.98 21.36 18.03
CA CYS A 23 -11.42 21.43 16.65
C CYS A 23 -12.38 20.28 16.40
N ILE A 24 -13.29 20.39 15.44
CA ILE A 24 -14.15 19.25 15.19
C ILE A 24 -13.47 18.28 14.22
N GLN A 25 -13.50 17.01 14.58
N GLN A 25 -13.52 17.00 14.58
CA GLN A 25 -12.88 15.96 13.77
CA GLN A 25 -12.89 15.94 13.81
C GLN A 25 -13.93 14.99 13.26
C GLN A 25 -13.92 14.96 13.27
N PHE A 26 -13.79 14.56 12.01
CA PHE A 26 -14.71 13.61 11.38
C PHE A 26 -14.14 12.22 11.50
N THR A 27 -14.86 11.35 12.21
N THR A 27 -14.81 11.33 12.25
CA THR A 27 -14.46 9.99 12.53
CA THR A 27 -14.31 9.96 12.49
C THR A 27 -14.14 9.12 11.31
C THR A 27 -14.06 9.14 11.24
N ARG A 28 -15.00 9.17 10.28
CA ARG A 28 -14.89 8.31 9.09
C ARG A 28 -14.21 8.94 7.89
N HIS A 29 -13.76 10.19 8.00
CA HIS A 29 -13.18 10.91 6.86
C HIS A 29 -11.99 10.17 6.24
N ALA A 30 -10.97 9.80 7.04
CA ALA A 30 -9.78 9.12 6.49
C ALA A 30 -10.16 7.83 5.77
N SER A 31 -11.01 6.99 6.40
CA SER A 31 -11.41 5.74 5.74
C SER A 31 -12.24 6.00 4.47
N ASP A 32 -13.08 7.07 4.46
CA ASP A 32 -13.90 7.40 3.27
C ASP A 32 -13.00 7.89 2.14
N VAL A 33 -11.94 8.66 2.49
CA VAL A 33 -11.00 9.12 1.47
C VAL A 33 -10.35 7.87 0.82
N LEU A 34 -9.85 6.96 1.66
CA LEU A 34 -9.17 5.76 1.16
C LEU A 34 -10.10 4.92 0.28
N LEU A 35 -11.36 4.76 0.73
CA LEU A 35 -12.37 4.03 -0.07
C LEU A 35 -12.51 4.71 -1.47
N ASN A 36 -12.59 6.05 -1.50
CA ASN A 36 -12.73 6.77 -2.78
C ASN A 36 -11.49 6.64 -3.63
N LEU A 37 -10.30 6.62 -3.01
CA LEU A 37 -9.05 6.43 -3.77
C LEU A 37 -9.04 5.02 -4.40
N ASN A 38 -9.57 4.00 -3.67
CA ASN A 38 -9.63 2.65 -4.21
C ASN A 38 -10.65 2.57 -5.36
N ARG A 39 -11.73 3.35 -5.27
CA ARG A 39 -12.75 3.43 -6.34
C ARG A 39 -12.10 4.04 -7.59
N LEU A 40 -11.27 5.07 -7.41
CA LEU A 40 -10.55 5.64 -8.56
C LEU A 40 -9.64 4.58 -9.15
N ARG A 41 -8.90 3.83 -8.31
CA ARG A 41 -8.03 2.77 -8.80
C ARG A 41 -8.82 1.72 -9.63
N SER A 42 -9.97 1.26 -9.12
N SER A 42 -9.98 1.27 -9.11
CA SER A 42 -10.82 0.27 -9.80
CA SER A 42 -10.83 0.27 -9.77
C SER A 42 -11.22 0.72 -11.20
C SER A 42 -11.34 0.70 -11.16
N ARG A 43 -11.54 2.02 -11.34
CA ARG A 43 -12.00 2.61 -12.60
C ARG A 43 -10.83 3.14 -13.45
N ASP A 44 -9.58 2.97 -12.95
CA ASP A 44 -8.35 3.44 -13.59
C ASP A 44 -8.36 4.98 -13.80
N ILE A 45 -8.96 5.69 -12.82
CA ILE A 45 -9.06 7.14 -12.86
C ILE A 45 -7.83 7.80 -12.23
N LEU A 46 -7.13 8.62 -13.01
N LEU A 46 -7.14 8.61 -13.05
CA LEU A 46 -5.96 9.41 -12.56
CA LEU A 46 -5.95 9.39 -12.72
C LEU A 46 -4.78 8.54 -12.06
C LEU A 46 -4.80 8.56 -12.12
N THR A 47 -4.74 7.25 -12.44
CA THR A 47 -3.61 6.39 -12.09
C THR A 47 -2.46 6.93 -12.94
N ASP A 48 -1.27 7.02 -12.36
CA ASP A 48 -0.14 7.68 -13.03
C ASP A 48 1.12 6.86 -13.02
N VAL A 49 1.02 5.57 -12.69
CA VAL A 49 2.19 4.68 -12.72
C VAL A 49 1.72 3.24 -12.92
N VAL A 50 2.57 2.44 -13.57
CA VAL A 50 2.39 1.00 -13.71
C VAL A 50 3.58 0.39 -12.98
N ILE A 51 3.31 -0.50 -12.02
CA ILE A 51 4.31 -1.26 -11.30
C ILE A 51 4.38 -2.62 -12.00
N VAL A 52 5.57 -2.97 -12.51
CA VAL A 52 5.81 -4.23 -13.23
C VAL A 52 6.50 -5.23 -12.28
N VAL A 53 5.88 -6.40 -12.09
CA VAL A 53 6.35 -7.48 -11.21
C VAL A 53 6.34 -8.76 -12.06
N SER A 54 7.51 -9.11 -12.61
CA SER A 54 7.67 -10.25 -13.53
C SER A 54 6.75 -10.03 -14.76
N ARG A 55 5.84 -10.95 -15.07
CA ARG A 55 4.97 -10.75 -16.24
C ARG A 55 3.69 -9.97 -15.90
N GLU A 56 3.59 -9.43 -14.66
CA GLU A 56 2.38 -8.77 -14.16
C GLU A 56 2.51 -7.26 -14.04
N GLN A 57 1.42 -6.56 -14.37
CA GLN A 57 1.37 -5.11 -14.31
C GLN A 57 0.28 -4.67 -13.35
N PHE A 58 0.56 -3.66 -12.55
CA PHE A 58 -0.38 -3.11 -11.56
C PHE A 58 -0.41 -1.59 -11.68
N ARG A 59 -1.57 -1.02 -12.04
CA ARG A 59 -1.73 0.42 -12.16
C ARG A 59 -2.08 1.01 -10.79
N ALA A 60 -1.51 2.16 -10.48
CA ALA A 60 -1.75 2.77 -9.16
C ALA A 60 -1.54 4.28 -9.18
N HIS A 61 -1.68 4.92 -8.00
CA HIS A 61 -1.45 6.34 -7.83
C HIS A 61 -0.14 6.48 -7.05
N LYS A 62 0.84 7.18 -7.63
CA LYS A 62 2.14 7.37 -6.96
C LYS A 62 1.99 7.86 -5.51
N THR A 63 1.10 8.85 -5.27
CA THR A 63 0.94 9.38 -3.91
C THR A 63 0.51 8.33 -2.91
N VAL A 64 -0.37 7.39 -3.31
CA VAL A 64 -0.81 6.35 -2.37
C VAL A 64 0.39 5.40 -2.10
N LEU A 65 1.09 5.00 -3.17
CA LEU A 65 2.28 4.12 -3.01
C LEU A 65 3.29 4.75 -2.05
N MET A 66 3.59 6.04 -2.23
CA MET A 66 4.56 6.78 -1.39
C MET A 66 4.08 6.85 0.06
N ALA A 67 2.76 7.08 0.25
CA ALA A 67 2.19 7.20 1.58
C ALA A 67 2.29 5.88 2.38
N CYS A 68 2.46 4.73 1.68
CA CYS A 68 2.44 3.40 2.29
C CYS A 68 3.76 2.67 2.34
N SER A 69 4.75 3.15 1.59
CA SER A 69 6.00 2.38 1.40
C SER A 69 7.24 3.25 1.40
N GLY A 70 8.23 2.88 2.19
CA GLY A 70 9.50 3.59 2.23
C GLY A 70 10.24 3.53 0.90
N LEU A 71 10.12 2.38 0.20
CA LEU A 71 10.77 2.24 -1.09
C LEU A 71 10.12 3.19 -2.13
N PHE A 72 8.78 3.18 -2.23
CA PHE A 72 8.09 4.09 -3.15
C PHE A 72 8.32 5.53 -2.78
N TYR A 73 8.40 5.84 -1.48
CA TYR A 73 8.68 7.22 -1.06
C TYR A 73 10.05 7.66 -1.61
N SER A 74 11.06 6.80 -1.46
CA SER A 74 12.40 7.10 -1.94
C SER A 74 12.43 7.28 -3.46
N ILE A 75 11.76 6.38 -4.21
CA ILE A 75 11.72 6.40 -5.67
C ILE A 75 11.05 7.69 -6.19
N PHE A 76 9.87 8.01 -5.67
CA PHE A 76 9.12 9.15 -6.23
C PHE A 76 9.55 10.50 -5.66
N THR A 77 10.52 10.54 -4.71
CA THR A 77 11.09 11.83 -4.25
C THR A 77 12.43 12.03 -4.95
N ASP A 78 12.86 11.06 -5.76
CA ASP A 78 14.11 11.22 -6.52
C ASP A 78 13.79 12.06 -7.74
N GLN A 79 14.56 13.14 -7.97
CA GLN A 79 14.36 14.07 -9.08
C GLN A 79 14.34 13.40 -10.46
N LEU A 80 15.11 12.32 -10.63
CA LEU A 80 15.13 11.61 -11.90
C LEU A 80 13.95 10.64 -12.04
N LYS A 81 13.67 9.87 -10.99
CA LYS A 81 12.65 8.82 -11.02
C LYS A 81 11.20 9.28 -10.80
N CYS A 82 11.00 10.43 -10.14
CA CYS A 82 9.65 10.96 -9.85
C CYS A 82 8.74 11.07 -11.08
N ASN A 83 9.33 11.21 -12.28
CA ASN A 83 8.61 11.38 -13.55
C ASN A 83 8.34 10.09 -14.33
N LEU A 84 8.94 8.96 -13.92
CA LEU A 84 8.76 7.69 -14.61
C LEU A 84 7.30 7.21 -14.51
N SER A 85 6.74 6.74 -15.64
N SER A 85 6.73 6.74 -15.64
CA SER A 85 5.37 6.22 -15.73
CA SER A 85 5.34 6.21 -15.66
C SER A 85 5.35 4.70 -15.51
C SER A 85 5.35 4.69 -15.46
N VAL A 86 6.53 4.07 -15.57
CA VAL A 86 6.70 2.62 -15.39
C VAL A 86 7.81 2.39 -14.37
N ILE A 87 7.54 1.52 -13.39
CA ILE A 87 8.49 1.13 -12.36
C ILE A 87 8.63 -0.39 -12.36
N ASN A 88 9.86 -0.88 -12.61
CA ASN A 88 10.07 -2.33 -12.59
C ASN A 88 10.60 -2.77 -11.24
N LEU A 89 9.92 -3.71 -10.59
CA LEU A 89 10.42 -4.23 -9.31
C LEU A 89 11.39 -5.36 -9.56
N ASP A 90 12.16 -5.70 -8.52
CA ASP A 90 13.10 -6.83 -8.52
C ASP A 90 12.35 -8.07 -9.05
N PRO A 91 12.87 -8.75 -10.10
CA PRO A 91 12.18 -9.93 -10.66
C PRO A 91 11.97 -11.08 -9.66
N GLU A 92 12.64 -11.04 -8.50
CA GLU A 92 12.46 -12.06 -7.44
C GLU A 92 11.13 -11.84 -6.69
N ILE A 93 10.53 -10.64 -6.79
CA ILE A 93 9.30 -10.35 -6.08
C ILE A 93 8.14 -11.15 -6.61
N ASN A 94 7.40 -11.75 -5.69
CA ASN A 94 6.24 -12.57 -5.99
C ASN A 94 5.05 -11.65 -6.36
N PRO A 95 4.47 -11.80 -7.58
CA PRO A 95 3.33 -10.92 -7.96
C PRO A 95 2.14 -11.00 -7.01
N GLU A 96 1.81 -12.21 -6.50
CA GLU A 96 0.67 -12.34 -5.58
C GLU A 96 0.94 -11.55 -4.28
N GLY A 97 2.16 -11.65 -3.74
CA GLY A 97 2.56 -10.90 -2.55
C GLY A 97 2.44 -9.40 -2.79
N PHE A 98 2.87 -8.93 -3.99
CA PHE A 98 2.73 -7.50 -4.33
C PHE A 98 1.24 -7.12 -4.39
N CYS A 99 0.41 -7.94 -5.07
CA CYS A 99 -1.02 -7.69 -5.20
C CYS A 99 -1.71 -7.54 -3.83
N ILE A 100 -1.40 -8.45 -2.91
CA ILE A 100 -1.95 -8.45 -1.55
C ILE A 100 -1.57 -7.12 -0.84
N LEU A 101 -0.31 -6.70 -0.97
CA LEU A 101 0.15 -5.44 -0.37
C LEU A 101 -0.47 -4.22 -1.02
N LEU A 102 -0.61 -4.22 -2.36
CA LEU A 102 -1.24 -3.08 -3.06
C LEU A 102 -2.70 -2.95 -2.60
N ASP A 103 -3.41 -4.08 -2.47
CA ASP A 103 -4.79 -4.06 -1.98
C ASP A 103 -4.85 -3.54 -0.57
N PHE A 104 -3.89 -3.94 0.28
CA PHE A 104 -3.82 -3.44 1.66
C PHE A 104 -3.63 -1.93 1.65
N MET A 105 -2.72 -1.42 0.79
CA MET A 105 -2.50 0.03 0.76
C MET A 105 -3.80 0.80 0.55
N TYR A 106 -4.67 0.30 -0.36
CA TYR A 106 -5.92 0.99 -0.71
C TYR A 106 -7.11 0.64 0.16
N THR A 107 -6.96 -0.29 1.13
CA THR A 107 -8.13 -0.74 1.92
C THR A 107 -7.94 -0.86 3.42
N SER A 108 -6.68 -0.95 3.91
CA SER A 108 -6.34 -1.24 5.34
C SER A 108 -6.48 -2.74 5.66
N ARG A 109 -6.90 -3.58 4.67
CA ARG A 109 -7.13 -5.00 4.87
C ARG A 109 -6.00 -5.81 4.29
N LEU A 110 -5.39 -6.66 5.13
CA LEU A 110 -4.25 -7.47 4.71
C LEU A 110 -4.67 -8.93 4.67
N ASN A 111 -4.74 -9.49 3.46
CA ASN A 111 -5.19 -10.87 3.26
C ASN A 111 -4.05 -11.87 3.51
N LEU A 112 -3.58 -12.01 4.78
CA LEU A 112 -2.52 -12.97 5.11
C LEU A 112 -3.11 -14.36 5.22
N ARG A 113 -2.44 -15.35 4.60
CA ARG A 113 -2.81 -16.76 4.64
C ARG A 113 -1.53 -17.58 4.83
N GLU A 114 -1.64 -18.81 5.37
CA GLU A 114 -0.47 -19.67 5.58
C GLU A 114 0.38 -19.79 4.28
N GLY A 115 -0.31 -19.93 3.14
CA GLY A 115 0.31 -20.09 1.83
C GLY A 115 0.95 -18.84 1.22
N ASN A 116 0.64 -17.65 1.74
CA ASN A 116 1.21 -16.44 1.15
C ASN A 116 2.06 -15.61 2.11
N ILE A 117 2.01 -15.90 3.44
CA ILE A 117 2.66 -15.08 4.46
C ILE A 117 4.18 -14.87 4.21
N MET A 118 4.90 -15.90 3.76
CA MET A 118 6.33 -15.74 3.48
C MET A 118 6.58 -14.76 2.34
N ALA A 119 5.81 -14.88 1.23
CA ALA A 119 5.93 -13.99 0.07
C ALA A 119 5.51 -12.58 0.43
N VAL A 120 4.40 -12.45 1.21
CA VAL A 120 3.95 -11.13 1.62
C VAL A 120 5.02 -10.45 2.49
N MET A 121 5.58 -11.19 3.47
CA MET A 121 6.60 -10.62 4.33
C MET A 121 7.84 -10.16 3.54
N ALA A 122 8.34 -11.01 2.62
CA ALA A 122 9.54 -10.69 1.82
C ALA A 122 9.29 -9.41 0.97
N THR A 123 8.08 -9.33 0.38
CA THR A 123 7.65 -8.19 -0.43
C THR A 123 7.54 -6.94 0.44
N ALA A 124 6.95 -7.03 1.66
CA ALA A 124 6.83 -5.87 2.56
C ALA A 124 8.20 -5.39 3.03
N MET A 125 9.17 -6.32 3.21
CA MET A 125 10.54 -5.93 3.60
C MET A 125 11.18 -5.12 2.46
N TYR A 126 11.06 -5.61 1.23
CA TYR A 126 11.58 -4.95 0.03
C TYR A 126 10.94 -3.56 -0.16
N LEU A 127 9.61 -3.48 0.07
CA LEU A 127 8.87 -2.23 -0.07
C LEU A 127 9.03 -1.30 1.13
N GLN A 128 9.69 -1.78 2.22
CA GLN A 128 9.88 -0.99 3.45
C GLN A 128 8.53 -0.54 4.05
N MET A 129 7.70 -1.55 4.35
CA MET A 129 6.38 -1.39 4.98
C MET A 129 6.54 -2.04 6.36
N GLU A 130 7.13 -1.27 7.28
CA GLU A 130 7.55 -1.75 8.61
C GLU A 130 6.47 -2.42 9.45
N HIS A 131 5.29 -1.78 9.57
CA HIS A 131 4.18 -2.32 10.37
C HIS A 131 3.71 -3.64 9.82
N VAL A 132 3.62 -3.76 8.48
CA VAL A 132 3.25 -5.02 7.83
C VAL A 132 4.29 -6.12 8.13
N VAL A 133 5.59 -5.77 7.98
CA VAL A 133 6.69 -6.71 8.28
C VAL A 133 6.53 -7.25 9.73
N ASP A 134 6.41 -6.32 10.71
N ASP A 134 6.41 -6.32 10.71
CA ASP A 134 6.27 -6.66 12.15
CA ASP A 134 6.26 -6.65 12.14
C ASP A 134 5.07 -7.57 12.41
C ASP A 134 5.08 -7.58 12.41
N THR A 135 3.95 -7.33 11.73
CA THR A 135 2.73 -8.14 11.85
C THR A 135 2.95 -9.54 11.29
N CYS A 136 3.59 -9.65 10.10
CA CYS A 136 3.92 -10.95 9.50
C CYS A 136 4.79 -11.75 10.44
N ARG A 137 5.82 -11.11 11.02
N ARG A 137 5.82 -11.11 11.03
CA ARG A 137 6.74 -11.75 11.97
CA ARG A 137 6.75 -11.72 11.98
C ARG A 137 5.98 -12.31 13.18
C ARG A 137 6.01 -12.28 13.21
N LYS A 138 5.03 -11.53 13.73
CA LYS A 138 4.19 -11.93 14.89
C LYS A 138 3.33 -13.16 14.56
N PHE A 139 2.70 -13.19 13.37
CA PHE A 139 1.86 -14.32 12.94
C PHE A 139 2.68 -15.58 12.70
N ILE A 140 3.91 -15.43 12.13
CA ILE A 140 4.83 -16.55 11.89
C ILE A 140 5.26 -17.17 13.23
N LYS A 141 5.62 -16.30 14.20
CA LYS A 141 6.03 -16.69 15.56
C LYS A 141 4.93 -17.51 16.27
N ALA A 142 3.64 -17.18 16.03
CA ALA A 142 2.48 -17.87 16.62
C ALA A 142 2.37 -19.36 16.24
N SER A 143 2.72 -19.71 14.99
CA SER A 143 2.70 -21.10 14.49
C SER A 143 3.95 -21.86 14.98
N GLU A 144 5.11 -21.18 15.02
CA GLU A 144 6.39 -21.74 15.46
C GLU A 144 6.41 -21.94 16.97
N3 K69 B . 6.07 11.71 4.17
C16 K69 B . 7.78 4.53 5.27
C14 K69 B . 7.89 6.61 4.11
C12 K69 B . 10.10 11.37 5.59
C9 K69 B . 5.25 11.14 3.29
C15 K69 B . 8.54 5.57 4.75
N2 K69 B . 5.82 7.69 3.40
C13 K69 B . 8.89 10.73 6.21
C11 K69 B . 9.01 13.41 5.37
C10 K69 B . 7.76 12.87 5.97
C8 K69 B . 6.85 10.87 4.85
O1 K69 B . 10.16 12.76 5.88
N1 K69 B . 5.93 3.39 5.76
C7 K69 B . 6.81 9.49 4.64
C3 K69 B . 6.39 4.54 5.14
C1 K69 B . 6.98 2.68 6.28
C2 K69 B . 4.53 2.98 5.85
C4 K69 B . 5.74 5.57 4.50
C5 K69 B . 6.50 6.63 3.99
C6 K69 B . 5.91 9.03 3.68
N5 K69 B . 7.68 11.42 5.77
N4 K69 B . 5.13 9.85 2.98
O K69 B . 6.91 1.65 6.92
N K69 B . 8.11 3.38 5.97
C K69 B . 9.46 2.96 6.34
C1 EDO C . -16.30 13.36 4.11
O1 EDO C . -15.12 13.26 3.31
C2 EDO C . -16.96 11.97 4.17
O2 EDO C . -16.28 11.24 5.17
C1 EDO D . 4.88 -20.57 7.20
O1 EDO D . 3.71 -20.53 6.41
C2 EDO D . 4.78 -19.52 8.33
O2 EDO D . 3.63 -19.77 9.11
#